data_9Q7Z
#
_entry.id   9Q7Z
#
_cell.length_a   327.795
_cell.length_b   40.472
_cell.length_c   78.235
_cell.angle_alpha   90.00
_cell.angle_beta   94.01
_cell.angle_gamma   90.00
#
_symmetry.space_group_name_H-M   'C 1 2 1'
#
loop_
_entity.id
_entity.type
_entity.pdbx_description
1 polymer eI-OnuI_P456_CGG
2 polymer 'DNA (26-MER)'
3 polymer 'DNA (26-MER)'
4 non-polymer 'CALCIUM ION'
5 water water
#
loop_
_entity_poly.entity_id
_entity_poly.type
_entity_poly.pdbx_seq_one_letter_code
_entity_poly.pdbx_strand_id
1 'polypeptide(L)'
;MASSRRESINPWILTGFADAEGSFLLRIRNNNKSSVGYSTELGFQITLHNKDKSILENIQSTWKVGVIANSGDNAVSLKV
TRFEDLKVIIDHFEKYPLITQKLGDYKLFKQAFSVMENKEHLKENGIKELVRIKAKLNWGLTDELKKAFPENISKERSLI
NKNIPNFKWLAGFTSGEGSFGVNLIKSKSKLGVQVQLRFRITQHIKDKNLMNSLITYLGCGYIAETNKSEFSWLQFVVTK
FSDINDKIIPVFQENTLIGVKLEDFEDWCKVAKLIEEKKHLTESGLDEIKKIKLNMNKGR
;
A,D
2 'polydeoxyribonucleotide'
;(DG)(DG)(DG)(DT)(DT)(DT)(DC)(DC)(DA)(DC)(DT)(DT)(DA)(DT)(DT)(DC)(DA)(DC)(DG)(DG)
(DT)(DT)(DT)(DT)(DA)(DG)
;
B,E
3 'polydeoxyribonucleotide'
;(DC)(DC)(DT)(DA)(DA)(DA)(DA)(DC)(DC)(DG)(DT)(DG)(DA)(DA)(DT)(DA)(DA)(DG)(DT)(DG)
(DG)(DA)(DA)(DA)(DC)(DC)
;
C,F
#
loop_
_chem_comp.id
_chem_comp.type
_chem_comp.name
_chem_comp.formula
CA non-polymer 'CALCIUM ION' 'Ca 2'
DA DNA linking 2'-DEOXYADENOSINE-5'-MONOPHOSPHATE 'C10 H14 N5 O6 P'
DC DNA linking 2'-DEOXYCYTIDINE-5'-MONOPHOSPHATE 'C9 H14 N3 O7 P'
DG DNA linking 2'-DEOXYGUANOSINE-5'-MONOPHOSPHATE 'C10 H14 N5 O7 P'
DT DNA linking THYMIDINE-5'-MONOPHOSPHATE 'C10 H15 N2 O8 P'
#
# COMPACT_ATOMS: atom_id res chain seq x y z
N SER A 4 6.81 7.01 -4.14
CA SER A 4 6.24 6.54 -2.88
C SER A 4 5.18 5.47 -3.14
N ARG A 5 5.31 4.33 -2.45
CA ARG A 5 4.39 3.22 -2.61
C ARG A 5 3.69 2.81 -1.31
N ARG A 6 4.29 3.07 -0.15
CA ARG A 6 3.73 2.70 1.16
C ARG A 6 3.65 1.19 1.32
N GLU A 7 3.54 0.72 2.56
CA GLU A 7 3.47 -0.71 2.83
C GLU A 7 2.50 -0.98 3.97
N SER A 8 1.84 -2.14 3.89
CA SER A 8 0.94 -2.56 4.94
C SER A 8 1.70 -2.83 6.23
N ILE A 9 1.03 -2.58 7.36
CA ILE A 9 1.62 -2.74 8.68
C ILE A 9 0.88 -3.85 9.40
N ASN A 10 1.63 -4.71 10.08
CA ASN A 10 1.05 -5.78 10.87
C ASN A 10 -0.02 -5.22 11.81
N PRO A 11 -1.24 -5.76 11.80
CA PRO A 11 -2.31 -5.14 12.60
C PRO A 11 -2.03 -5.16 14.09
N TRP A 12 -1.31 -6.16 14.61
CA TRP A 12 -0.92 -6.14 16.00
C TRP A 12 0.19 -5.12 16.23
N ILE A 13 1.10 -4.98 15.27
CA ILE A 13 2.09 -3.90 15.34
C ILE A 13 1.40 -2.55 15.24
N LEU A 14 0.32 -2.47 14.46
CA LEU A 14 -0.46 -1.24 14.40
C LEU A 14 -1.19 -1.00 15.72
N THR A 15 -1.89 -2.03 16.23
CA THR A 15 -2.57 -1.91 17.52
C THR A 15 -1.58 -1.65 18.64
N GLY A 16 -0.37 -2.21 18.55
CA GLY A 16 0.65 -1.90 19.54
C GLY A 16 1.14 -0.47 19.41
N PHE A 17 1.32 0.02 18.18
CA PHE A 17 1.73 1.41 17.99
C PHE A 17 0.63 2.37 18.39
N ALA A 18 -0.64 1.98 18.21
CA ALA A 18 -1.73 2.83 18.68
C ALA A 18 -1.70 2.98 20.19
N ASP A 19 -1.31 1.90 20.90
CA ASP A 19 -1.11 2.00 22.33
C ASP A 19 0.04 2.93 22.68
N ALA A 20 0.98 3.11 21.75
CA ALA A 20 2.14 3.96 22.00
C ALA A 20 1.80 5.44 21.79
N GLU A 21 1.54 5.83 20.55
CA GLU A 21 1.44 7.24 20.18
C GLU A 21 0.05 7.63 19.71
N GLY A 22 -0.93 6.75 19.85
CA GLY A 22 -2.28 7.07 19.42
C GLY A 22 -3.01 7.93 20.43
N SER A 23 -4.19 8.41 20.01
CA SER A 23 -5.00 9.27 20.86
C SER A 23 -6.40 9.39 20.26
N PHE A 24 -7.39 9.42 21.14
CA PHE A 24 -8.78 9.65 20.76
C PHE A 24 -9.18 11.09 21.07
N LEU A 25 -10.21 11.56 20.38
CA LEU A 25 -10.73 12.90 20.62
C LEU A 25 -12.24 12.88 20.57
N LEU A 26 -12.86 13.71 21.41
CA LEU A 26 -14.30 13.91 21.42
C LEU A 26 -14.56 15.38 21.70
N ARG A 27 -15.02 16.11 20.69
CA ARG A 27 -15.17 17.56 20.76
C ARG A 27 -16.63 17.92 20.98
N ILE A 28 -16.87 18.83 21.92
CA ILE A 28 -18.19 19.42 22.15
C ILE A 28 -17.98 20.93 22.15
N ARG A 29 -18.35 21.58 21.05
CA ARG A 29 -18.04 22.98 20.83
C ARG A 29 -19.32 23.83 20.87
N ASN A 30 -19.19 25.05 21.39
CA ASN A 30 -20.28 26.01 21.38
C ASN A 30 -20.52 26.48 19.96
N ASN A 31 -21.68 26.14 19.39
CA ASN A 31 -22.01 26.48 18.02
C ASN A 31 -23.38 27.15 18.00
N ASN A 32 -23.40 28.46 17.76
CA ASN A 32 -24.67 29.18 17.69
C ASN A 32 -25.48 28.75 16.49
N LYS A 33 -24.82 28.39 15.39
CA LYS A 33 -25.52 27.90 14.21
C LYS A 33 -26.15 26.53 14.42
N SER A 34 -25.64 25.76 15.38
CA SER A 34 -26.21 24.45 15.67
C SER A 34 -27.59 24.60 16.31
N SER A 35 -28.43 23.59 16.10
CA SER A 35 -29.78 23.63 16.65
C SER A 35 -29.75 23.54 18.17
N VAL A 36 -29.12 22.49 18.71
CA VAL A 36 -29.03 22.32 20.16
C VAL A 36 -28.05 23.29 20.79
N GLY A 37 -27.35 24.09 19.98
CA GLY A 37 -26.38 25.04 20.47
C GLY A 37 -24.97 24.50 20.62
N TYR A 38 -24.72 23.26 20.19
CA TYR A 38 -23.40 22.68 20.33
C TYR A 38 -23.25 21.56 19.30
N SER A 39 -22.20 21.66 18.47
CA SER A 39 -21.87 20.63 17.50
C SER A 39 -20.78 19.71 18.08
N THR A 40 -20.63 18.54 17.45
CA THR A 40 -19.73 17.52 17.95
C THR A 40 -18.83 17.01 16.84
N GLU A 41 -17.68 16.46 17.24
CA GLU A 41 -16.75 15.82 16.32
C GLU A 41 -16.05 14.70 17.07
N LEU A 42 -16.09 13.50 16.50
CA LEU A 42 -15.55 12.31 17.14
C LEU A 42 -14.57 11.62 16.19
N GLY A 43 -13.50 11.07 16.75
CA GLY A 43 -12.54 10.36 15.93
C GLY A 43 -11.29 9.99 16.72
N PHE A 44 -10.31 9.49 15.98
CA PHE A 44 -9.04 9.02 16.53
C PHE A 44 -7.90 9.64 15.72
N GLN A 45 -6.81 9.97 16.41
CA GLN A 45 -5.72 10.73 15.79
C GLN A 45 -4.38 10.24 16.30
N ILE A 46 -3.35 10.51 15.50
CA ILE A 46 -1.95 10.23 15.84
C ILE A 46 -1.11 11.40 15.38
N THR A 47 -0.20 11.87 16.26
CA THR A 47 0.68 12.99 15.96
C THR A 47 2.12 12.54 16.14
N LEU A 48 2.91 12.62 15.07
CA LEU A 48 4.30 12.19 15.06
C LEU A 48 5.17 13.32 14.50
N HIS A 49 6.49 13.09 14.52
CA HIS A 49 7.43 14.04 13.95
C HIS A 49 7.52 13.84 12.44
N ASN A 50 8.01 14.88 11.76
CA ASN A 50 8.11 14.84 10.29
C ASN A 50 9.03 13.73 9.81
N LYS A 51 10.04 13.35 10.61
CA LYS A 51 10.95 12.31 10.20
C LYS A 51 10.27 10.94 10.10
N ASP A 52 9.16 10.75 10.81
CA ASP A 52 8.41 9.49 10.78
C ASP A 52 7.04 9.66 10.12
N LYS A 53 6.94 10.59 9.16
CA LYS A 53 5.68 10.80 8.47
C LYS A 53 5.29 9.62 7.58
N SER A 54 6.26 8.77 7.23
CA SER A 54 5.95 7.59 6.43
C SER A 54 5.06 6.61 7.18
N ILE A 55 5.15 6.60 8.52
CA ILE A 55 4.28 5.73 9.31
C ILE A 55 2.82 6.10 9.11
N LEU A 56 2.54 7.41 9.11
CA LEU A 56 1.15 7.86 8.93
C LEU A 56 0.62 7.49 7.56
N GLU A 57 1.48 7.56 6.53
CA GLU A 57 1.07 7.13 5.21
C GLU A 57 0.84 5.63 5.15
N ASN A 58 1.68 4.85 5.83
CA ASN A 58 1.51 3.41 5.84
C ASN A 58 0.32 2.98 6.72
N ILE A 59 0.06 3.72 7.79
CA ILE A 59 -1.12 3.43 8.60
C ILE A 59 -2.39 3.77 7.82
N GLN A 60 -2.35 4.88 7.06
CA GLN A 60 -3.51 5.26 6.25
C GLN A 60 -3.71 4.31 5.08
N SER A 61 -2.61 3.74 4.54
CA SER A 61 -2.75 2.78 3.45
C SER A 61 -3.36 1.48 3.92
N THR A 62 -3.12 1.09 5.19
CA THR A 62 -3.68 -0.15 5.70
C THR A 62 -5.16 -0.02 6.01
N TRP A 63 -5.61 1.17 6.42
CA TRP A 63 -7.01 1.37 6.79
C TRP A 63 -7.83 2.07 5.72
N LYS A 64 -7.18 2.73 4.76
CA LYS A 64 -7.85 3.48 3.70
C LYS A 64 -8.77 4.58 4.26
N VAL A 65 -8.51 5.01 5.49
CA VAL A 65 -9.28 6.06 6.14
C VAL A 65 -8.31 7.07 6.73
N GLY A 66 -8.87 8.18 7.22
CA GLY A 66 -8.07 9.22 7.85
C GLY A 66 -7.43 10.15 6.85
N VAL A 67 -6.93 11.27 7.36
CA VAL A 67 -6.28 12.28 6.53
C VAL A 67 -5.02 12.76 7.25
N ILE A 68 -3.97 13.01 6.48
CA ILE A 68 -2.69 13.46 7.00
C ILE A 68 -2.55 14.95 6.73
N ALA A 69 -2.23 15.72 7.78
CA ALA A 69 -2.00 17.15 7.66
C ALA A 69 -0.87 17.55 8.59
N ASN A 70 -0.09 18.54 8.16
CA ASN A 70 1.03 19.02 8.95
C ASN A 70 0.53 19.62 10.25
N SER A 71 1.02 19.11 11.38
CA SER A 71 0.63 19.56 12.70
C SER A 71 1.60 20.58 13.28
N GLY A 72 2.24 21.37 12.43
CA GLY A 72 3.17 22.38 12.86
C GLY A 72 4.38 22.39 11.94
N ASP A 73 5.38 23.19 12.34
CA ASP A 73 6.61 23.26 11.56
C ASP A 73 7.43 21.99 11.70
N ASN A 74 7.39 21.34 12.86
CA ASN A 74 8.18 20.15 13.15
C ASN A 74 7.29 18.97 13.56
N ALA A 75 6.05 18.92 13.06
CA ALA A 75 5.12 17.87 13.42
C ALA A 75 4.23 17.53 12.23
N VAL A 76 3.75 16.29 12.23
CA VAL A 76 2.80 15.80 11.23
C VAL A 76 1.74 14.97 11.95
N SER A 77 0.49 15.08 11.50
CA SER A 77 -0.63 14.44 12.18
C SER A 77 -1.50 13.69 11.20
N LEU A 78 -2.17 12.65 11.71
CA LEU A 78 -3.18 11.89 10.96
C LEU A 78 -4.47 11.88 11.77
N LYS A 79 -5.55 12.40 11.17
CA LYS A 79 -6.83 12.52 11.86
C LYS A 79 -7.87 11.67 11.13
N VAL A 80 -8.61 10.87 11.89
CA VAL A 80 -9.68 10.03 11.38
C VAL A 80 -10.98 10.58 11.96
N THR A 81 -11.66 11.44 11.22
CA THR A 81 -12.85 12.13 11.73
C THR A 81 -14.14 11.75 11.01
N ARG A 82 -14.09 11.12 9.85
CA ARG A 82 -15.31 10.74 9.13
C ARG A 82 -16.06 9.66 9.92
N PHE A 83 -17.38 9.86 10.05
CA PHE A 83 -18.18 8.99 10.90
C PHE A 83 -18.19 7.56 10.39
N GLU A 84 -18.50 7.38 9.10
CA GLU A 84 -18.53 6.02 8.53
C GLU A 84 -17.14 5.39 8.53
N ASP A 85 -16.10 6.20 8.34
CA ASP A 85 -14.74 5.68 8.39
C ASP A 85 -14.34 5.24 9.79
N LEU A 86 -14.97 5.81 10.83
CA LEU A 86 -14.66 5.39 12.19
C LEU A 86 -15.07 3.94 12.44
N LYS A 87 -16.04 3.43 11.67
CA LYS A 87 -16.43 2.03 11.82
C LYS A 87 -15.28 1.10 11.44
N VAL A 88 -14.43 1.50 10.50
CA VAL A 88 -13.28 0.69 10.14
C VAL A 88 -12.28 0.65 11.29
N ILE A 89 -12.06 1.80 11.93
CA ILE A 89 -11.15 1.83 13.08
C ILE A 89 -11.75 1.10 14.26
N ILE A 90 -13.07 1.08 14.38
CA ILE A 90 -13.72 0.39 15.50
C ILE A 90 -13.64 -1.11 15.30
N ASP A 91 -14.00 -1.60 14.11
CA ASP A 91 -13.97 -3.04 13.86
C ASP A 91 -12.56 -3.60 13.96
N HIS A 92 -11.55 -2.78 13.66
CA HIS A 92 -10.17 -3.23 13.82
C HIS A 92 -9.82 -3.43 15.29
N PHE A 93 -10.21 -2.49 16.15
CA PHE A 93 -9.85 -2.58 17.56
C PHE A 93 -10.65 -3.65 18.30
N GLU A 94 -11.83 -4.00 17.79
CA GLU A 94 -12.60 -5.09 18.40
C GLU A 94 -11.88 -6.42 18.25
N LYS A 95 -11.34 -6.69 17.06
CA LYS A 95 -10.60 -7.93 16.84
C LYS A 95 -9.21 -7.87 17.46
N TYR A 96 -8.56 -6.69 17.42
CA TYR A 96 -7.22 -6.49 17.94
C TYR A 96 -7.28 -5.45 19.04
N PRO A 97 -7.55 -5.84 20.28
CA PRO A 97 -7.81 -4.87 21.34
C PRO A 97 -6.54 -4.22 21.87
N LEU A 98 -6.74 -3.11 22.57
CA LEU A 98 -5.67 -2.39 23.22
C LEU A 98 -5.30 -3.05 24.55
N ILE A 99 -4.07 -2.81 24.99
CA ILE A 99 -3.54 -3.45 26.19
C ILE A 99 -3.07 -2.47 27.25
N THR A 100 -2.94 -1.18 26.93
CA THR A 100 -2.48 -0.19 27.88
C THR A 100 -3.69 0.48 28.55
N GLN A 101 -3.48 1.63 29.17
CA GLN A 101 -4.58 2.41 29.76
C GLN A 101 -5.41 3.13 28.71
N LYS A 102 -5.13 2.93 27.43
CA LYS A 102 -5.93 3.52 26.35
C LYS A 102 -7.12 2.67 25.97
N LEU A 103 -7.16 1.41 26.40
CA LEU A 103 -8.30 0.55 26.08
C LEU A 103 -9.58 1.09 26.68
N GLY A 104 -9.50 1.68 27.88
CA GLY A 104 -10.64 2.34 28.46
C GLY A 104 -11.11 3.54 27.67
N ASP A 105 -10.16 4.27 27.07
CA ASP A 105 -10.52 5.39 26.20
C ASP A 105 -11.24 4.92 24.95
N TYR A 106 -10.82 3.77 24.38
CA TYR A 106 -11.52 3.23 23.23
C TYR A 106 -12.90 2.71 23.59
N LYS A 107 -13.06 2.16 24.80
CA LYS A 107 -14.37 1.70 25.24
C LYS A 107 -15.36 2.86 25.30
N LEU A 108 -14.92 4.02 25.79
CA LEU A 108 -15.75 5.21 25.79
C LEU A 108 -15.80 5.88 24.41
N PHE A 109 -14.81 5.62 23.56
CA PHE A 109 -14.90 6.04 22.17
C PHE A 109 -16.05 5.33 21.45
N LYS A 110 -16.22 4.03 21.71
CA LYS A 110 -17.39 3.32 21.19
C LYS A 110 -18.68 3.79 21.85
N GLN A 111 -18.62 4.18 23.13
CA GLN A 111 -19.83 4.60 23.83
C GLN A 111 -20.36 5.93 23.33
N ALA A 112 -19.50 6.75 22.72
CA ALA A 112 -19.95 7.99 22.07
C ALA A 112 -20.31 7.77 20.61
N PHE A 113 -19.65 6.83 19.93
CA PHE A 113 -20.05 6.47 18.57
C PHE A 113 -21.47 5.91 18.55
N SER A 114 -21.84 5.13 19.56
CA SER A 114 -23.19 4.56 19.60
C SER A 114 -24.24 5.63 19.81
N VAL A 115 -23.95 6.63 20.64
CA VAL A 115 -24.88 7.75 20.81
C VAL A 115 -25.04 8.50 19.49
N MET A 116 -23.93 8.74 18.78
CA MET A 116 -23.99 9.38 17.48
C MET A 116 -24.45 8.44 16.38
N GLU A 117 -24.41 7.12 16.60
CA GLU A 117 -24.92 6.19 15.61
C GLU A 117 -26.42 6.27 15.47
N ASN A 118 -27.13 6.40 16.59
CA ASN A 118 -28.59 6.54 16.59
C ASN A 118 -29.02 7.99 16.35
N LYS A 119 -28.10 8.86 15.94
CA LYS A 119 -28.39 10.27 15.66
C LYS A 119 -28.96 10.98 16.88
N GLU A 120 -28.62 10.50 18.07
CA GLU A 120 -29.09 11.09 19.32
C GLU A 120 -28.27 12.30 19.76
N HIS A 121 -27.18 12.61 19.06
CA HIS A 121 -26.32 13.73 19.40
C HIS A 121 -26.88 15.07 18.93
N LEU A 122 -28.10 15.10 18.42
CA LEU A 122 -28.76 16.35 18.04
C LEU A 122 -29.75 16.84 19.07
N LYS A 123 -30.12 16.01 20.04
CA LYS A 123 -31.03 16.39 21.11
C LYS A 123 -30.24 16.65 22.39
N GLU A 124 -30.76 17.56 23.21
CA GLU A 124 -30.10 17.89 24.47
C GLU A 124 -30.05 16.69 25.40
N ASN A 125 -31.07 15.82 25.34
CA ASN A 125 -31.05 14.63 26.18
C ASN A 125 -29.91 13.70 25.78
N GLY A 126 -29.63 13.62 24.47
CA GLY A 126 -28.52 12.81 24.01
C GLY A 126 -27.18 13.49 24.18
N ILE A 127 -27.14 14.83 24.04
CA ILE A 127 -25.91 15.57 24.25
C ILE A 127 -25.46 15.45 25.70
N LYS A 128 -26.42 15.45 26.64
CA LYS A 128 -26.09 15.27 28.05
C LYS A 128 -25.39 13.94 28.29
N GLU A 129 -25.71 12.91 27.50
CA GLU A 129 -25.02 11.63 27.62
C GLU A 129 -23.58 11.74 27.17
N LEU A 130 -23.33 12.50 26.09
CA LEU A 130 -21.96 12.69 25.61
C LEU A 130 -21.12 13.45 26.62
N VAL A 131 -21.73 14.38 27.37
CA VAL A 131 -20.99 15.09 28.41
C VAL A 131 -20.58 14.14 29.52
N ARG A 132 -21.40 13.13 29.82
CA ARG A 132 -21.04 12.15 30.84
C ARG A 132 -19.93 11.23 30.37
N ILE A 133 -19.87 10.95 29.07
CA ILE A 133 -18.81 10.09 28.54
C ILE A 133 -17.46 10.79 28.59
N LYS A 134 -17.44 12.08 28.29
CA LYS A 134 -16.18 12.83 28.24
C LYS A 134 -15.53 12.97 29.62
N ALA A 135 -16.29 12.78 30.70
CA ALA A 135 -15.73 12.95 32.04
C ALA A 135 -14.72 11.85 32.36
N LYS A 136 -15.11 10.59 32.22
CA LYS A 136 -14.23 9.48 32.56
C LYS A 136 -13.16 9.23 31.51
N LEU A 137 -13.25 9.87 30.36
CA LEU A 137 -12.27 9.74 29.29
C LEU A 137 -11.41 10.99 29.20
N ASN A 138 -10.23 10.82 28.58
CA ASN A 138 -9.41 11.94 28.14
C ASN A 138 -8.85 12.74 29.31
N TRP A 139 -8.73 14.06 29.12
CA TRP A 139 -8.29 14.97 30.17
C TRP A 139 -9.44 15.56 30.98
N GLY A 140 -10.65 15.06 30.77
CA GLY A 140 -11.83 15.62 31.40
C GLY A 140 -12.41 16.78 30.63
N LEU A 141 -13.46 17.37 31.21
CA LEU A 141 -14.13 18.50 30.59
C LEU A 141 -13.42 19.81 30.95
N THR A 142 -13.51 20.77 30.04
CA THR A 142 -12.97 22.10 30.30
C THR A 142 -13.86 22.85 31.30
N ASP A 143 -13.37 24.01 31.74
CA ASP A 143 -14.13 24.81 32.68
C ASP A 143 -15.43 25.34 32.07
N GLU A 144 -15.41 25.65 30.77
CA GLU A 144 -16.61 26.14 30.11
C GLU A 144 -17.69 25.06 30.04
N LEU A 145 -17.29 23.82 29.71
CA LEU A 145 -18.27 22.74 29.63
C LEU A 145 -18.76 22.34 31.02
N LYS A 146 -17.92 22.47 32.05
CA LYS A 146 -18.35 22.13 33.40
C LYS A 146 -19.35 23.13 33.93
N LYS A 147 -19.15 24.42 33.63
CA LYS A 147 -20.08 25.44 34.10
C LYS A 147 -21.42 25.35 33.39
N ALA A 148 -21.42 24.99 32.11
CA ALA A 148 -22.66 24.91 31.35
C ALA A 148 -23.49 23.69 31.76
N PHE A 149 -22.85 22.63 32.24
CA PHE A 149 -23.54 21.40 32.61
C PHE A 149 -23.24 21.06 34.06
N PRO A 150 -24.13 21.39 35.00
CA PRO A 150 -23.91 21.02 36.41
C PRO A 150 -24.27 19.58 36.73
N GLU A 151 -24.76 18.82 35.75
CA GLU A 151 -25.12 17.44 35.99
C GLU A 151 -23.86 16.61 36.29
N ASN A 152 -24.07 15.51 37.00
CA ASN A 152 -22.97 14.66 37.43
C ASN A 152 -22.89 13.40 36.57
N ILE A 153 -21.71 12.77 36.62
CA ILE A 153 -21.46 11.52 35.93
C ILE A 153 -20.67 10.63 36.86
N SER A 154 -21.00 9.34 36.87
CA SER A 154 -20.37 8.38 37.77
C SER A 154 -20.00 7.14 37.00
N LYS A 155 -18.71 6.79 37.01
CA LYS A 155 -18.22 5.59 36.35
C LYS A 155 -16.88 5.19 36.93
N GLU A 156 -15.99 6.17 37.12
CA GLU A 156 -14.64 5.96 37.62
C GLU A 156 -13.88 5.01 36.71
N ARG A 157 -13.08 5.56 35.80
CA ARG A 157 -12.33 4.73 34.86
C ARG A 157 -11.40 3.77 35.61
N SER A 158 -11.74 2.48 35.57
CA SER A 158 -10.97 1.49 36.29
C SER A 158 -9.64 1.24 35.59
N LEU A 159 -8.62 0.90 36.39
CA LEU A 159 -7.31 0.60 35.84
C LEU A 159 -7.39 -0.66 35.00
N ILE A 160 -6.79 -0.62 33.80
CA ILE A 160 -6.85 -1.74 32.89
C ILE A 160 -5.80 -2.77 33.30
N ASN A 161 -6.23 -4.02 33.46
CA ASN A 161 -5.34 -5.13 33.80
C ASN A 161 -5.37 -6.11 32.62
N LYS A 162 -4.33 -6.05 31.79
CA LYS A 162 -4.22 -6.91 30.62
C LYS A 162 -2.77 -7.30 30.45
N ASN A 163 -2.54 -8.31 29.61
CA ASN A 163 -1.21 -8.82 29.35
C ASN A 163 -0.90 -8.71 27.86
N ILE A 164 0.39 -8.75 27.55
CA ILE A 164 0.86 -8.65 26.17
C ILE A 164 0.38 -9.88 25.40
N PRO A 165 -0.41 -9.70 24.34
CA PRO A 165 -0.89 -10.87 23.59
C PRO A 165 0.20 -11.57 22.80
N ASN A 166 0.98 -10.80 22.04
CA ASN A 166 2.00 -11.37 21.16
C ASN A 166 3.16 -10.41 21.03
N PHE A 167 4.22 -10.86 20.35
CA PHE A 167 5.40 -10.04 20.17
C PHE A 167 5.16 -8.88 19.20
N LYS A 168 4.27 -9.07 18.23
CA LYS A 168 3.98 -8.01 17.27
C LYS A 168 3.42 -6.78 17.96
N TRP A 169 2.62 -6.96 19.02
CA TRP A 169 2.17 -5.82 19.81
C TRP A 169 3.35 -5.13 20.48
N LEU A 170 4.30 -5.90 21.00
CA LEU A 170 5.47 -5.31 21.63
C LEU A 170 6.33 -4.57 20.60
N ALA A 171 6.42 -5.11 19.38
CA ALA A 171 7.19 -4.43 18.34
C ALA A 171 6.57 -3.09 17.97
N GLY A 172 5.24 -3.03 17.92
CA GLY A 172 4.58 -1.76 17.64
C GLY A 172 4.68 -0.80 18.81
N PHE A 173 4.62 -1.33 20.04
CA PHE A 173 4.72 -0.48 21.21
C PHE A 173 6.14 0.02 21.42
N THR A 174 7.13 -0.85 21.20
CA THR A 174 8.53 -0.45 21.36
C THR A 174 8.96 0.50 20.25
N SER A 175 8.39 0.37 19.05
CA SER A 175 8.71 1.29 17.98
C SER A 175 8.32 2.73 18.35
N GLY A 176 7.30 2.89 19.19
CA GLY A 176 6.86 4.20 19.60
C GLY A 176 7.45 4.67 20.91
N GLU A 177 7.47 3.81 21.93
CA GLU A 177 7.86 4.20 23.27
C GLU A 177 9.14 3.52 23.73
N GLY A 178 9.94 2.99 22.80
CA GLY A 178 11.16 2.30 23.11
C GLY A 178 12.37 3.12 22.74
N SER A 179 13.46 2.91 23.47
CA SER A 179 14.71 3.64 23.25
C SER A 179 15.85 2.64 23.16
N PHE A 180 16.61 2.71 22.08
CA PHE A 180 17.82 1.90 21.89
C PHE A 180 19.01 2.81 22.10
N GLY A 181 19.70 2.64 23.22
CA GLY A 181 20.79 3.52 23.61
C GLY A 181 22.11 2.78 23.72
N VAL A 182 23.17 3.42 23.26
CA VAL A 182 24.53 2.92 23.40
C VAL A 182 25.22 3.81 24.42
N ASN A 183 25.49 3.27 25.60
CA ASN A 183 26.03 4.03 26.71
C ASN A 183 27.55 3.85 26.76
N LEU A 184 28.28 4.95 26.62
CA LEU A 184 29.73 4.96 26.70
C LEU A 184 30.11 5.52 28.07
N ILE A 185 30.38 4.63 29.01
CA ILE A 185 30.76 5.04 30.35
C ILE A 185 32.22 5.49 30.34
N LYS A 186 32.51 6.55 31.10
CA LYS A 186 33.84 7.14 31.11
C LYS A 186 34.70 6.46 32.17
N SER A 187 35.93 6.13 31.80
CA SER A 187 36.88 5.49 32.71
C SER A 187 38.27 5.71 32.16
N LYS A 188 39.27 5.41 32.98
CA LYS A 188 40.65 5.60 32.57
C LYS A 188 41.16 4.38 31.81
N SER A 189 42.47 4.14 31.84
CA SER A 189 43.08 3.02 31.14
C SER A 189 42.76 3.05 29.66
N LYS A 190 41.60 2.53 29.28
CA LYS A 190 41.18 2.52 27.88
C LYS A 190 39.66 2.47 27.77
N GLN A 194 34.21 2.34 29.16
CA GLN A 194 33.31 1.20 29.09
C GLN A 194 32.09 1.49 28.20
N VAL A 195 31.86 0.61 27.23
CA VAL A 195 30.72 0.73 26.32
C VAL A 195 29.64 -0.21 26.81
N GLN A 196 28.47 0.35 27.15
CA GLN A 196 27.36 -0.43 27.68
C GLN A 196 26.15 -0.27 26.76
N LEU A 197 25.42 -1.37 26.58
CA LEU A 197 24.18 -1.37 25.80
C LEU A 197 23.00 -1.44 26.74
N ARG A 198 22.06 -0.50 26.58
CA ARG A 198 20.87 -0.44 27.40
C ARG A 198 19.64 -0.31 26.52
N PHE A 199 18.54 -0.94 26.94
CA PHE A 199 17.26 -0.90 26.25
C PHE A 199 16.19 -0.51 27.27
N ARG A 200 15.92 0.79 27.36
CA ARG A 200 14.96 1.34 28.31
C ARG A 200 13.64 1.65 27.61
N ILE A 201 12.56 1.59 28.39
CA ILE A 201 11.22 1.91 27.92
C ILE A 201 10.53 2.73 29.01
N THR A 202 10.16 3.97 28.70
CA THR A 202 9.52 4.86 29.64
C THR A 202 8.00 4.80 29.48
N GLN A 203 7.30 4.78 30.61
CA GLN A 203 5.84 4.75 30.62
C GLN A 203 5.36 5.36 31.93
N HIS A 204 4.10 5.81 31.92
CA HIS A 204 3.52 6.41 33.11
C HIS A 204 3.28 5.35 34.20
N ILE A 205 3.06 5.85 35.42
CA ILE A 205 2.79 4.97 36.55
C ILE A 205 1.45 4.25 36.42
N LYS A 206 0.53 4.76 35.59
CA LYS A 206 -0.77 4.12 35.44
C LYS A 206 -0.68 2.76 34.78
N ASP A 207 0.40 2.47 34.06
CA ASP A 207 0.60 1.17 33.43
C ASP A 207 1.68 0.36 34.15
N LYS A 208 1.82 0.56 35.46
CA LYS A 208 2.82 -0.20 36.21
C LYS A 208 2.51 -1.69 36.22
N ASN A 209 1.22 -2.05 36.12
CA ASN A 209 0.86 -3.46 36.02
C ASN A 209 1.41 -4.08 34.74
N LEU A 210 1.35 -3.32 33.64
CA LEU A 210 1.91 -3.78 32.38
C LEU A 210 3.43 -3.70 32.39
N MET A 211 3.99 -2.65 32.99
CA MET A 211 5.44 -2.51 33.06
C MET A 211 6.07 -3.58 33.93
N ASN A 212 5.39 -3.95 35.02
CA ASN A 212 5.90 -5.04 35.85
C ASN A 212 5.81 -6.39 35.14
N SER A 213 4.74 -6.59 34.36
CA SER A 213 4.62 -7.82 33.59
C SER A 213 5.60 -7.86 32.43
N LEU A 214 6.15 -6.72 32.03
CA LEU A 214 7.13 -6.70 30.94
C LEU A 214 8.42 -7.41 31.30
N ILE A 215 8.80 -7.37 32.59
CA ILE A 215 10.01 -8.07 33.03
C ILE A 215 9.81 -9.58 32.93
N THR A 216 8.66 -10.07 33.39
CA THR A 216 8.38 -11.50 33.29
C THR A 216 8.10 -11.93 31.86
N TYR A 217 7.53 -11.03 31.04
CA TYR A 217 7.24 -11.38 29.65
C TYR A 217 8.52 -11.64 28.86
N LEU A 218 9.53 -10.80 29.04
CA LEU A 218 10.82 -11.00 28.38
C LEU A 218 11.79 -11.84 29.20
N GLY A 219 11.51 -12.06 30.48
CA GLY A 219 12.38 -12.88 31.31
C GLY A 219 13.64 -12.20 31.76
N CYS A 220 13.65 -10.88 31.84
CA CYS A 220 14.83 -10.11 32.24
C CYS A 220 14.39 -8.68 32.52
N GLY A 221 15.37 -7.82 32.82
CA GLY A 221 15.11 -6.41 33.01
C GLY A 221 14.80 -6.06 34.45
N TYR A 222 14.97 -4.78 34.77
CA TYR A 222 14.66 -4.27 36.10
C TYR A 222 13.92 -2.95 35.95
N ILE A 223 13.08 -2.64 36.94
CA ILE A 223 12.22 -1.46 36.93
C ILE A 223 12.83 -0.39 37.82
N ALA A 224 13.15 0.76 37.24
CA ALA A 224 13.69 1.87 37.99
C ALA A 224 12.57 2.62 38.70
N GLU A 225 12.96 3.65 39.47
CA GLU A 225 11.98 4.46 40.20
C GLU A 225 12.54 5.84 40.50
N PHE A 231 5.87 11.67 41.22
CA PHE A 231 6.87 11.82 40.17
C PHE A 231 6.35 11.24 38.85
N SER A 232 5.20 10.57 38.91
CA SER A 232 4.67 9.81 37.80
C SER A 232 5.74 8.86 37.28
N TRP A 233 5.92 8.81 35.95
CA TRP A 233 7.06 8.13 35.35
C TRP A 233 7.12 6.64 35.64
N LEU A 234 8.13 5.98 35.06
CA LEU A 234 8.52 4.59 35.27
C LEU A 234 9.58 4.26 34.23
N GLN A 235 10.23 3.12 34.36
CA GLN A 235 11.27 2.75 33.41
C GLN A 235 11.63 1.27 33.52
N PHE A 236 11.67 0.58 32.38
CA PHE A 236 12.09 -0.82 32.32
C PHE A 236 13.41 -0.87 31.56
N VAL A 237 14.47 -1.31 32.23
CA VAL A 237 15.82 -1.26 31.69
C VAL A 237 16.40 -2.67 31.70
N VAL A 238 17.16 -3.00 30.66
CA VAL A 238 17.91 -4.24 30.58
C VAL A 238 19.34 -3.90 30.19
N THR A 239 20.31 -4.46 30.93
CA THR A 239 21.71 -4.14 30.74
C THR A 239 22.60 -5.36 30.56
N LYS A 240 22.20 -6.53 31.03
CA LYS A 240 23.01 -7.74 30.87
C LYS A 240 23.10 -8.10 29.39
N PHE A 241 24.31 -8.11 28.84
CA PHE A 241 24.49 -8.40 27.43
C PHE A 241 24.04 -9.81 27.07
N SER A 242 24.08 -10.74 28.04
CA SER A 242 23.56 -12.07 27.79
C SER A 242 22.06 -12.04 27.50
N ASP A 243 21.32 -11.22 28.25
CA ASP A 243 19.89 -11.09 27.99
C ASP A 243 19.64 -10.30 26.71
N ILE A 244 20.48 -9.31 26.42
CA ILE A 244 20.29 -8.48 25.24
C ILE A 244 20.56 -9.28 23.97
N ASN A 245 21.73 -9.92 23.88
CA ASN A 245 22.11 -10.62 22.67
C ASN A 245 21.36 -11.93 22.47
N ASP A 246 20.60 -12.40 23.46
CA ASP A 246 19.89 -13.67 23.36
C ASP A 246 18.38 -13.55 23.53
N LYS A 247 17.88 -12.50 24.16
CA LYS A 247 16.44 -12.40 24.41
C LYS A 247 15.86 -11.09 23.88
N ILE A 248 16.67 -10.04 23.83
CA ILE A 248 16.17 -8.71 23.44
C ILE A 248 16.39 -8.46 21.96
N ILE A 249 17.60 -8.66 21.46
CA ILE A 249 17.91 -8.39 20.06
C ILE A 249 17.20 -9.36 19.11
N PRO A 250 17.05 -10.68 19.39
CA PRO A 250 16.42 -11.54 18.40
C PRO A 250 14.90 -11.44 18.36
N VAL A 251 14.28 -10.92 19.42
CA VAL A 251 12.83 -10.79 19.44
C VAL A 251 12.38 -9.76 18.41
N PHE A 252 13.01 -8.59 18.41
CA PHE A 252 12.66 -7.56 17.43
C PHE A 252 13.18 -7.88 16.04
N GLN A 253 14.16 -8.77 15.92
CA GLN A 253 14.60 -9.21 14.60
C GLN A 253 13.56 -10.09 13.93
N GLU A 254 12.83 -10.89 14.72
CA GLU A 254 11.76 -11.71 14.17
C GLU A 254 10.52 -10.87 13.86
N ASN A 255 10.17 -9.95 14.75
CA ASN A 255 9.02 -9.06 14.56
C ASN A 255 9.57 -7.70 14.13
N THR A 256 9.55 -7.46 12.82
CA THR A 256 10.17 -6.25 12.26
C THR A 256 9.54 -4.99 12.86
N LEU A 257 10.38 -4.00 13.14
CA LEU A 257 9.95 -2.74 13.71
C LEU A 257 9.31 -1.85 12.62
N ILE A 258 8.96 -0.62 12.99
CA ILE A 258 8.46 0.38 12.06
C ILE A 258 9.03 1.73 12.44
N GLY A 259 9.21 2.59 11.45
CA GLY A 259 9.71 3.93 11.69
C GLY A 259 11.22 4.04 11.67
N VAL A 260 11.69 5.24 12.00
CA VAL A 260 13.12 5.53 12.02
C VAL A 260 13.84 4.77 13.13
N LYS A 261 13.11 4.30 14.15
CA LYS A 261 13.74 3.52 15.21
C LYS A 261 14.27 2.18 14.71
N LEU A 262 13.73 1.66 13.60
CA LEU A 262 14.28 0.46 13.00
C LEU A 262 15.72 0.68 12.55
N GLU A 263 15.97 1.80 11.86
CA GLU A 263 17.34 2.12 11.47
C GLU A 263 18.23 2.31 12.69
N ASP A 264 17.68 2.84 13.78
CA ASP A 264 18.44 2.92 15.02
C ASP A 264 18.69 1.53 15.59
N PHE A 265 17.71 0.64 15.50
CA PHE A 265 17.92 -0.74 15.92
C PHE A 265 18.94 -1.43 15.02
N GLU A 266 18.89 -1.17 13.72
CA GLU A 266 19.86 -1.75 12.80
C GLU A 266 21.28 -1.32 13.17
N ASP A 267 21.46 -0.04 13.50
CA ASP A 267 22.76 0.43 13.96
C ASP A 267 23.08 -0.06 15.37
N TRP A 268 22.06 -0.44 16.15
CA TRP A 268 22.28 -1.00 17.47
C TRP A 268 22.82 -2.43 17.40
N CYS A 269 22.34 -3.22 16.44
CA CYS A 269 22.83 -4.58 16.29
C CYS A 269 24.29 -4.61 15.86
N LYS A 270 24.74 -3.60 15.13
CA LYS A 270 26.15 -3.56 14.72
C LYS A 270 27.07 -3.42 15.92
N VAL A 271 26.69 -2.58 16.89
CA VAL A 271 27.49 -2.46 18.10
C VAL A 271 27.35 -3.71 18.97
N ALA A 272 26.21 -4.39 18.87
CA ALA A 272 26.02 -5.62 19.66
C ALA A 272 26.90 -6.74 19.11
N LYS A 273 27.07 -6.81 17.79
CA LYS A 273 27.92 -7.83 17.20
C LYS A 273 29.38 -7.62 17.59
N LEU A 274 29.81 -6.37 17.74
CA LEU A 274 31.19 -6.10 18.15
C LEU A 274 31.43 -6.55 19.58
N ILE A 275 30.47 -6.31 20.48
CA ILE A 275 30.60 -6.76 21.86
C ILE A 275 30.55 -8.28 21.93
N GLU A 276 29.75 -8.91 21.06
CA GLU A 276 29.72 -10.37 21.01
C GLU A 276 31.08 -10.93 20.60
N GLU A 277 31.70 -10.33 19.59
CA GLU A 277 33.06 -10.68 19.20
C GLU A 277 34.10 -10.14 20.15
N LYS A 278 33.69 -9.43 21.21
CA LYS A 278 34.57 -8.85 22.22
C LYS A 278 35.56 -7.84 21.65
N LYS A 279 35.31 -7.35 20.43
CA LYS A 279 36.17 -6.36 19.80
C LYS A 279 35.93 -4.95 20.33
N HIS A 280 34.98 -4.76 21.25
CA HIS A 280 34.70 -3.44 21.80
C HIS A 280 35.85 -2.91 22.64
N LEU A 281 36.74 -3.77 23.12
CA LEU A 281 37.89 -3.32 23.90
C LEU A 281 38.99 -2.74 23.03
N THR A 282 39.04 -3.08 21.74
CA THR A 282 40.06 -2.54 20.86
C THR A 282 39.83 -1.05 20.62
N GLU A 283 40.93 -0.31 20.45
CA GLU A 283 40.85 1.11 20.16
C GLU A 283 40.17 1.36 18.82
N SER A 284 40.48 0.53 17.82
CA SER A 284 39.81 0.66 16.52
C SER A 284 38.33 0.31 16.61
N GLY A 285 37.98 -0.65 17.47
CA GLY A 285 36.58 -0.99 17.65
C GLY A 285 35.82 0.08 18.41
N LEU A 286 36.43 0.63 19.47
CA LEU A 286 35.79 1.69 20.24
C LEU A 286 35.64 2.95 19.40
N ASP A 287 36.60 3.23 18.53
CA ASP A 287 36.49 4.40 17.65
C ASP A 287 35.37 4.20 16.63
N GLU A 288 35.22 2.98 16.12
CA GLU A 288 34.14 2.71 15.16
C GLU A 288 32.78 2.79 15.83
N ILE A 289 32.70 2.47 17.12
CA ILE A 289 31.43 2.57 17.84
C ILE A 289 31.00 4.02 17.95
N LYS A 290 31.97 4.94 18.11
CA LYS A 290 31.63 6.36 18.21
C LYS A 290 31.01 6.86 16.91
N LYS A 291 31.46 6.36 15.77
CA LYS A 291 30.87 6.76 14.50
C LYS A 291 29.44 6.26 14.36
N ILE A 292 29.17 5.03 14.79
CA ILE A 292 27.82 4.48 14.73
C ILE A 292 26.93 5.14 15.77
N LYS A 293 27.48 5.48 16.94
CA LYS A 293 26.67 6.06 18.01
C LYS A 293 26.25 7.49 17.67
N LEU A 294 27.16 8.29 17.11
CA LEU A 294 26.84 9.68 16.83
C LEU A 294 25.86 9.83 15.68
N ASN A 295 25.92 8.93 14.69
CA ASN A 295 25.05 9.00 13.52
C ASN A 295 23.72 8.30 13.72
N MET A 296 23.31 8.05 14.97
CA MET A 296 22.05 7.39 15.26
C MET A 296 21.31 8.12 16.37
N ASN A 297 20.05 7.75 16.55
CA ASN A 297 19.17 8.26 17.61
C ASN A 297 19.01 9.77 17.43
N LYS A 298 19.37 10.59 18.42
CA LYS A 298 19.15 12.05 18.29
C LYS A 298 19.98 12.64 17.17
N GLY A 299 21.17 12.10 16.92
CA GLY A 299 22.01 12.62 15.85
C GLY A 299 21.51 12.32 14.45
N ARG A 300 20.63 11.33 14.32
CA ARG A 300 20.11 10.95 13.01
C ARG A 300 18.97 11.87 12.59
N SER D 4 -3.05 -29.03 -26.07
CA SER D 4 -2.99 -27.62 -26.42
C SER D 4 -1.87 -27.36 -27.42
N ARG D 5 -2.22 -26.67 -28.51
CA ARG D 5 -1.27 -26.34 -29.57
C ARG D 5 -1.22 -24.83 -29.73
N ARG D 6 -0.03 -24.25 -29.57
CA ARG D 6 0.13 -22.82 -29.68
C ARG D 6 0.07 -22.37 -31.13
N GLU D 7 -0.18 -21.08 -31.32
CA GLU D 7 -0.30 -20.49 -32.65
C GLU D 7 0.35 -19.12 -32.64
N SER D 8 0.88 -18.73 -33.79
CA SER D 8 1.51 -17.42 -33.90
C SER D 8 0.47 -16.31 -33.72
N ILE D 9 0.90 -15.22 -33.10
CA ILE D 9 0.05 -14.09 -32.78
C ILE D 9 0.54 -12.87 -33.56
N ASN D 10 -0.41 -12.10 -34.09
CA ASN D 10 -0.10 -10.87 -34.80
C ASN D 10 0.78 -9.98 -33.92
N PRO D 11 1.95 -9.54 -34.40
CA PRO D 11 2.86 -8.78 -33.54
C PRO D 11 2.31 -7.45 -33.09
N TRP D 12 1.43 -6.82 -33.88
CA TRP D 12 0.80 -5.58 -33.44
C TRP D 12 -0.21 -5.84 -32.33
N ILE D 13 -0.94 -6.96 -32.40
CA ILE D 13 -1.78 -7.36 -31.30
C ILE D 13 -0.95 -7.70 -30.08
N LEU D 14 0.25 -8.24 -30.28
CA LEU D 14 1.15 -8.52 -29.17
C LEU D 14 1.68 -7.23 -28.55
N THR D 15 2.16 -6.30 -29.38
CA THR D 15 2.64 -5.02 -28.87
C THR D 15 1.52 -4.23 -28.21
N GLY D 16 0.29 -4.37 -28.71
CA GLY D 16 -0.84 -3.74 -28.04
C GLY D 16 -1.14 -4.39 -26.70
N PHE D 17 -1.06 -5.72 -26.63
CA PHE D 17 -1.27 -6.41 -25.37
C PHE D 17 -0.15 -6.13 -24.38
N ALA D 18 1.08 -5.95 -24.88
CA ALA D 18 2.19 -5.58 -24.01
C ALA D 18 1.95 -4.22 -23.36
N ASP D 19 1.34 -3.30 -24.11
CA ASP D 19 0.94 -2.02 -23.53
C ASP D 19 -0.16 -2.18 -22.49
N ALA D 20 -0.93 -3.27 -22.57
CA ALA D 20 -2.01 -3.51 -21.62
C ALA D 20 -1.47 -4.08 -20.31
N GLU D 21 -0.97 -5.31 -20.35
CA GLU D 21 -0.61 -6.04 -19.14
C GLU D 21 0.89 -6.31 -19.00
N GLY D 22 1.72 -5.72 -19.86
CA GLY D 22 3.14 -5.95 -19.78
C GLY D 22 3.81 -5.13 -18.69
N SER D 23 5.10 -5.43 -18.46
CA SER D 23 5.86 -4.75 -17.43
C SER D 23 7.34 -5.04 -17.62
N PHE D 24 8.17 -4.03 -17.38
CA PHE D 24 9.63 -4.18 -17.39
C PHE D 24 10.16 -4.23 -15.96
N LEU D 25 11.36 -4.81 -15.82
CA LEU D 25 12.01 -4.91 -14.53
C LEU D 25 13.50 -4.65 -14.67
N LEU D 26 14.08 -4.01 -13.66
CA LEU D 26 15.53 -3.79 -13.58
C LEU D 26 15.93 -3.95 -12.12
N ARG D 27 16.65 -5.02 -11.81
CA ARG D 27 16.96 -5.39 -10.43
C ARG D 27 18.40 -5.01 -10.10
N ILE D 28 18.57 -4.42 -8.91
CA ILE D 28 19.89 -4.15 -8.34
C ILE D 28 19.88 -4.75 -6.95
N ARG D 29 20.54 -5.90 -6.79
CA ARG D 29 20.48 -6.69 -5.57
C ARG D 29 21.82 -6.64 -4.84
N ASN D 30 21.76 -6.63 -3.51
CA ASN D 30 22.96 -6.71 -2.69
C ASN D 30 23.58 -8.09 -2.84
N ASN D 31 24.75 -8.16 -3.47
CA ASN D 31 25.44 -9.42 -3.70
C ASN D 31 26.87 -9.28 -3.24
N ASN D 32 27.20 -9.92 -2.11
CA ASN D 32 28.57 -9.87 -1.60
C ASN D 32 29.52 -10.61 -2.51
N LYS D 33 29.06 -11.68 -3.17
CA LYS D 33 29.91 -12.41 -4.10
C LYS D 33 30.22 -11.61 -5.35
N SER D 34 29.39 -10.63 -5.71
CA SER D 34 29.66 -9.79 -6.86
C SER D 34 30.85 -8.88 -6.59
N SER D 35 31.55 -8.50 -7.66
CA SER D 35 32.75 -7.66 -7.53
C SER D 35 32.38 -6.26 -7.06
N VAL D 36 31.48 -5.59 -7.79
CA VAL D 36 31.03 -4.24 -7.45
C VAL D 36 30.13 -4.31 -6.23
N GLY D 37 29.81 -5.52 -5.77
CA GLY D 37 28.96 -5.67 -4.62
C GLY D 37 27.47 -5.73 -4.92
N TYR D 38 27.08 -5.76 -6.20
CA TYR D 38 25.67 -5.76 -6.56
C TYR D 38 25.53 -6.36 -7.95
N SER D 39 24.71 -7.39 -8.06
CA SER D 39 24.40 -8.01 -9.35
C SER D 39 23.10 -7.43 -9.90
N THR D 40 22.89 -7.64 -11.21
CA THR D 40 21.75 -7.06 -11.90
C THR D 40 21.02 -8.13 -12.71
N GLU D 41 19.76 -7.84 -13.00
CA GLU D 41 18.93 -8.70 -13.84
C GLU D 41 17.94 -7.81 -14.58
N LEU D 42 17.91 -7.94 -15.91
CA LEU D 42 17.10 -7.08 -16.77
C LEU D 42 16.21 -7.94 -17.67
N GLY D 43 14.99 -7.46 -17.90
CA GLY D 43 14.09 -8.18 -18.78
C GLY D 43 12.70 -7.60 -18.73
N PHE D 44 11.78 -8.30 -19.39
CA PHE D 44 10.38 -7.91 -19.52
C PHE D 44 9.51 -9.11 -19.17
N GLN D 45 8.38 -8.86 -18.51
CA GLN D 45 7.55 -9.94 -17.99
C GLN D 45 6.09 -9.58 -18.13
N ILE D 46 5.25 -10.63 -18.10
CA ILE D 46 3.79 -10.51 -18.13
C ILE D 46 3.22 -11.48 -17.11
N THR D 47 2.27 -11.01 -16.30
CA THR D 47 1.63 -11.82 -15.28
C THR D 47 0.12 -11.79 -15.51
N LEU D 48 -0.45 -12.96 -15.75
CA LEU D 48 -1.88 -13.10 -16.03
C LEU D 48 -2.48 -14.15 -15.10
N HIS D 49 -3.80 -14.31 -15.19
CA HIS D 49 -4.50 -15.33 -14.42
C HIS D 49 -4.38 -16.69 -15.11
N ASN D 50 -4.64 -17.74 -14.32
CA ASN D 50 -4.52 -19.10 -14.85
C ASN D 50 -5.47 -19.35 -16.01
N LYS D 51 -6.61 -18.65 -16.04
CA LYS D 51 -7.56 -18.82 -17.13
C LYS D 51 -7.02 -18.33 -18.46
N ASP D 52 -6.03 -17.43 -18.45
CA ASP D 52 -5.42 -16.89 -19.66
C ASP D 52 -3.98 -17.35 -19.83
N LYS D 53 -3.67 -18.56 -19.34
CA LYS D 53 -2.31 -19.09 -19.47
C LYS D 53 -1.97 -19.43 -20.92
N SER D 54 -2.97 -19.62 -21.77
CA SER D 54 -2.69 -19.94 -23.17
C SER D 54 -2.01 -18.78 -23.89
N ILE D 55 -2.25 -17.54 -23.45
CA ILE D 55 -1.61 -16.39 -24.08
C ILE D 55 -0.10 -16.45 -23.89
N LEU D 56 0.35 -16.79 -22.68
CA LEU D 56 1.79 -16.85 -22.41
C LEU D 56 2.47 -17.93 -23.23
N GLU D 57 1.81 -19.08 -23.41
CA GLU D 57 2.37 -20.12 -24.26
C GLU D 57 2.46 -19.67 -25.71
N ASN D 58 1.43 -18.97 -26.19
CA ASN D 58 1.44 -18.46 -27.56
C ASN D 58 2.38 -17.26 -27.70
N ILE D 59 2.51 -16.45 -26.65
CA ILE D 59 3.44 -15.32 -26.71
C ILE D 59 4.88 -15.81 -26.77
N GLN D 60 5.21 -16.85 -25.98
CA GLN D 60 6.57 -17.39 -26.03
C GLN D 60 6.81 -18.15 -27.33
N SER D 61 5.77 -18.76 -27.90
CA SER D 61 5.93 -19.46 -29.17
C SER D 61 6.19 -18.48 -30.31
N THR D 62 5.67 -17.26 -30.22
CA THR D 62 5.91 -16.27 -31.27
C THR D 62 7.32 -15.71 -31.19
N TRP D 63 7.88 -15.61 -29.99
CA TRP D 63 9.22 -15.05 -29.80
C TRP D 63 10.30 -16.09 -29.60
N LYS D 64 9.94 -17.33 -29.25
CA LYS D 64 10.88 -18.41 -28.94
C LYS D 64 11.82 -18.05 -27.79
N VAL D 65 11.40 -17.12 -26.93
CA VAL D 65 12.19 -16.69 -25.78
C VAL D 65 11.29 -16.69 -24.55
N GLY D 66 11.91 -16.47 -23.39
CA GLY D 66 11.19 -16.39 -22.15
C GLY D 66 10.89 -17.75 -21.54
N VAL D 67 10.50 -17.71 -20.27
CA VAL D 67 10.17 -18.92 -19.52
C VAL D 67 8.88 -18.66 -18.74
N ILE D 68 8.03 -19.68 -18.67
CA ILE D 68 6.75 -19.60 -17.98
C ILE D 68 6.86 -20.33 -16.65
N ALA D 69 6.45 -19.66 -15.57
CA ALA D 69 6.43 -20.24 -14.25
C ALA D 69 5.21 -19.72 -13.51
N ASN D 70 4.64 -20.58 -12.66
CA ASN D 70 3.47 -20.19 -11.88
C ASN D 70 3.83 -19.06 -10.93
N SER D 71 3.11 -17.94 -11.04
CA SER D 71 3.34 -16.77 -10.21
C SER D 71 2.40 -16.72 -9.00
N GLY D 72 2.00 -17.87 -8.48
CA GLY D 72 1.13 -17.95 -7.35
C GLY D 72 0.08 -19.03 -7.55
N ASP D 73 -0.87 -19.09 -6.63
CA ASP D 73 -1.93 -20.08 -6.73
C ASP D 73 -2.91 -19.74 -7.85
N ASN D 74 -3.15 -18.45 -8.10
CA ASN D 74 -4.11 -18.01 -9.10
C ASN D 74 -3.46 -17.10 -10.14
N ALA D 75 -2.18 -17.29 -10.41
CA ALA D 75 -1.48 -16.44 -11.36
C ALA D 75 -0.45 -17.25 -12.14
N VAL D 76 -0.16 -16.79 -13.35
CA VAL D 76 0.86 -17.38 -14.22
C VAL D 76 1.66 -16.24 -14.82
N SER D 77 2.98 -16.44 -14.96
CA SER D 77 3.86 -15.38 -15.41
C SER D 77 4.77 -15.88 -16.53
N LEU D 78 5.17 -14.96 -17.39
CA LEU D 78 6.16 -15.21 -18.43
C LEU D 78 7.27 -14.17 -18.28
N LYS D 79 8.48 -14.65 -18.03
CA LYS D 79 9.63 -13.78 -17.78
C LYS D 79 10.68 -13.99 -18.86
N VAL D 80 11.17 -12.88 -19.42
CA VAL D 80 12.24 -12.93 -20.40
C VAL D 80 13.46 -12.29 -19.77
N THR D 81 14.32 -13.11 -19.16
CA THR D 81 15.46 -12.61 -18.41
C THR D 81 16.81 -12.98 -19.02
N ARG D 82 16.84 -13.93 -19.96
CA ARG D 82 18.10 -14.28 -20.61
C ARG D 82 18.57 -13.10 -21.46
N PHE D 83 19.85 -12.76 -21.32
CA PHE D 83 20.37 -11.56 -21.97
C PHE D 83 20.29 -11.68 -23.49
N GLU D 84 20.78 -12.78 -24.04
CA GLU D 84 20.72 -12.97 -25.49
C GLU D 84 19.28 -13.06 -25.97
N ASP D 85 18.40 -13.68 -25.17
CA ASP D 85 16.99 -13.72 -25.54
C ASP D 85 16.34 -12.36 -25.41
N LEU D 86 16.86 -11.50 -24.54
CA LEU D 86 16.32 -10.16 -24.39
C LEU D 86 16.55 -9.30 -25.63
N LYS D 87 17.57 -9.62 -26.43
CA LYS D 87 17.80 -8.87 -27.66
C LYS D 87 16.65 -9.04 -28.65
N VAL D 88 15.98 -10.19 -28.62
CA VAL D 88 14.82 -10.41 -29.48
C VAL D 88 13.67 -9.50 -29.05
N ILE D 89 13.48 -9.33 -27.74
CA ILE D 89 12.43 -8.45 -27.25
C ILE D 89 12.72 -7.00 -27.60
N ILE D 90 13.99 -6.63 -27.70
CA ILE D 90 14.35 -5.25 -28.03
C ILE D 90 14.03 -4.97 -29.50
N ASP D 91 14.47 -5.85 -30.39
CA ASP D 91 14.26 -5.63 -31.82
C ASP D 91 12.77 -5.63 -32.19
N HIS D 92 11.94 -6.34 -31.42
CA HIS D 92 10.51 -6.36 -31.70
C HIS D 92 9.87 -5.01 -31.45
N PHE D 93 10.21 -4.37 -30.32
CA PHE D 93 9.57 -3.11 -29.97
C PHE D 93 10.05 -1.94 -30.81
N GLU D 94 11.23 -2.03 -31.41
CA GLU D 94 11.69 -0.96 -32.29
C GLU D 94 10.82 -0.86 -33.55
N LYS D 95 10.46 -2.00 -34.14
CA LYS D 95 9.59 -1.98 -35.32
C LYS D 95 8.14 -1.71 -34.94
N TYR D 96 7.70 -2.23 -33.80
CA TYR D 96 6.32 -2.09 -33.34
C TYR D 96 6.35 -1.37 -32.00
N PRO D 97 6.33 -0.04 -32.00
CA PRO D 97 6.55 0.71 -30.76
C PRO D 97 5.34 0.71 -29.84
N LEU D 98 5.60 1.09 -28.59
CA LEU D 98 4.54 1.22 -27.61
C LEU D 98 3.81 2.56 -27.80
N ILE D 99 2.56 2.59 -27.33
CA ILE D 99 1.71 3.76 -27.51
C ILE D 99 1.18 4.33 -26.20
N THR D 100 1.31 3.61 -25.09
CA THR D 100 0.82 4.09 -23.80
C THR D 100 1.94 4.80 -23.07
N GLN D 101 1.79 5.01 -21.76
CA GLN D 101 2.84 5.59 -20.93
C GLN D 101 3.96 4.61 -20.62
N LYS D 102 3.93 3.42 -21.21
CA LYS D 102 5.00 2.45 -21.03
C LYS D 102 6.15 2.66 -22.00
N LEU D 103 5.95 3.47 -23.04
CA LEU D 103 7.04 3.76 -23.97
C LEU D 103 8.18 4.48 -23.27
N GLY D 104 7.87 5.35 -22.31
CA GLY D 104 8.90 5.98 -21.51
C GLY D 104 9.64 4.96 -20.66
N ASP D 105 8.92 3.96 -20.15
CA ASP D 105 9.57 2.87 -19.43
C ASP D 105 10.46 2.05 -20.35
N TYR D 106 10.03 1.85 -21.59
CA TYR D 106 10.86 1.13 -22.55
C TYR D 106 12.11 1.93 -22.91
N LYS D 107 12.00 3.26 -22.94
CA LYS D 107 13.17 4.09 -23.18
C LYS D 107 14.22 3.88 -22.09
N LEU D 108 13.78 3.79 -20.84
CA LEU D 108 14.70 3.47 -19.75
C LEU D 108 15.06 1.99 -19.71
N PHE D 109 14.22 1.13 -20.29
CA PHE D 109 14.64 -0.25 -20.51
C PHE D 109 15.81 -0.28 -21.48
N LYS D 110 15.76 0.55 -22.52
CA LYS D 110 16.92 0.79 -23.35
C LYS D 110 17.93 1.60 -22.56
N GLN D 111 19.12 1.81 -23.16
CA GLN D 111 20.23 2.50 -22.51
C GLN D 111 20.75 1.72 -21.31
N ALA D 112 19.92 0.87 -20.72
CA ALA D 112 20.36 -0.08 -19.70
C ALA D 112 20.83 -1.37 -20.32
N PHE D 113 20.23 -1.77 -21.45
CA PHE D 113 20.76 -2.86 -22.24
C PHE D 113 22.17 -2.52 -22.74
N SER D 114 22.39 -1.25 -23.10
CA SER D 114 23.71 -0.83 -23.57
C SER D 114 24.73 -0.84 -22.45
N VAL D 115 24.32 -0.47 -21.23
CA VAL D 115 25.22 -0.53 -20.09
C VAL D 115 25.65 -1.98 -19.83
N MET D 116 24.70 -2.91 -19.90
CA MET D 116 25.05 -4.32 -19.75
C MET D 116 25.69 -4.88 -21.01
N GLU D 117 25.50 -4.24 -22.16
CA GLU D 117 26.19 -4.67 -23.37
C GLU D 117 27.68 -4.35 -23.31
N ASN D 118 28.02 -3.16 -22.80
CA ASN D 118 29.41 -2.75 -22.62
C ASN D 118 30.02 -3.27 -21.33
N LYS D 119 29.34 -4.19 -20.64
CA LYS D 119 29.82 -4.79 -19.40
C LYS D 119 30.08 -3.73 -18.32
N GLU D 120 29.35 -2.62 -18.37
CA GLU D 120 29.53 -1.56 -17.39
C GLU D 120 28.81 -1.81 -16.09
N HIS D 121 28.00 -2.87 -16.01
CA HIS D 121 27.28 -3.19 -14.78
C HIS D 121 28.15 -3.90 -13.76
N LEU D 122 29.44 -4.08 -14.04
CA LEU D 122 30.38 -4.65 -13.09
C LEU D 122 31.27 -3.61 -12.45
N LYS D 123 31.31 -2.39 -12.98
CA LYS D 123 32.09 -1.30 -12.42
C LYS D 123 31.18 -0.33 -11.68
N GLU D 124 31.73 0.27 -10.62
CA GLU D 124 30.96 1.22 -9.82
C GLU D 124 30.54 2.44 -10.64
N ASN D 125 31.36 2.85 -11.61
CA ASN D 125 31.02 3.99 -12.44
C ASN D 125 29.80 3.70 -13.31
N GLY D 126 29.69 2.46 -13.80
CA GLY D 126 28.54 2.08 -14.59
C GLY D 126 27.29 1.77 -13.80
N ILE D 127 27.48 1.18 -12.62
CA ILE D 127 26.33 0.86 -11.76
C ILE D 127 25.63 2.14 -11.30
N LYS D 128 26.40 3.20 -11.04
CA LYS D 128 25.80 4.47 -10.65
C LYS D 128 24.86 5.00 -11.73
N GLU D 129 25.15 4.71 -13.00
CA GLU D 129 24.24 5.08 -14.07
C GLU D 129 22.96 4.26 -14.02
N LEU D 130 23.09 2.96 -13.71
CA LEU D 130 21.91 2.10 -13.61
C LEU D 130 21.01 2.52 -12.45
N VAL D 131 21.58 3.03 -11.37
CA VAL D 131 20.78 3.51 -10.26
C VAL D 131 19.96 4.72 -10.67
N ARG D 132 20.51 5.56 -11.55
CA ARG D 132 19.76 6.72 -12.04
C ARG D 132 18.64 6.30 -12.98
N ILE D 133 18.83 5.20 -13.72
CA ILE D 133 17.79 4.74 -14.64
C ILE D 133 16.61 4.18 -13.87
N LYS D 134 16.87 3.42 -12.80
CA LYS D 134 15.79 2.82 -12.03
C LYS D 134 14.95 3.85 -11.29
N ALA D 135 15.50 5.05 -11.06
CA ALA D 135 14.75 6.07 -10.34
C ALA D 135 13.59 6.59 -11.18
N LYS D 136 13.87 7.02 -12.40
CA LYS D 136 12.85 7.59 -13.28
C LYS D 136 11.95 6.53 -13.90
N LEU D 137 12.27 5.25 -13.74
CA LEU D 137 11.46 4.16 -14.26
C LEU D 137 10.70 3.47 -13.12
N ASN D 138 9.59 2.84 -13.48
CA ASN D 138 8.88 1.93 -12.58
C ASN D 138 8.31 2.68 -11.38
N TRP D 139 8.37 2.05 -10.20
CA TRP D 139 7.95 2.67 -8.96
C TRP D 139 9.08 3.43 -8.28
N GLY D 140 10.21 3.61 -8.95
CA GLY D 140 11.37 4.24 -8.34
C GLY D 140 12.23 3.26 -7.58
N LEU D 141 13.25 3.81 -6.93
CA LEU D 141 14.16 3.00 -6.13
C LEU D 141 13.58 2.77 -4.74
N THR D 142 13.94 1.63 -4.15
CA THR D 142 13.51 1.32 -2.80
C THR D 142 14.27 2.19 -1.79
N ASP D 143 13.82 2.11 -0.53
CA ASP D 143 14.47 2.88 0.52
C ASP D 143 15.90 2.45 0.76
N GLU D 144 16.20 1.17 0.60
CA GLU D 144 17.57 0.68 0.79
C GLU D 144 18.49 1.24 -0.30
N LEU D 145 18.04 1.22 -1.55
CA LEU D 145 18.86 1.74 -2.65
C LEU D 145 18.96 3.26 -2.59
N LYS D 146 17.93 3.93 -2.06
CA LYS D 146 17.96 5.38 -2.00
C LYS D 146 18.98 5.88 -0.99
N LYS D 147 19.14 5.19 0.14
CA LYS D 147 20.09 5.62 1.15
C LYS D 147 21.53 5.46 0.66
N ALA D 148 21.81 4.38 -0.08
CA ALA D 148 23.17 4.13 -0.55
C ALA D 148 23.57 5.09 -1.68
N PHE D 149 22.59 5.56 -2.46
CA PHE D 149 22.87 6.43 -3.60
C PHE D 149 22.07 7.73 -3.49
N PRO D 150 22.69 8.82 -3.03
CA PRO D 150 21.99 10.11 -2.96
C PRO D 150 21.93 10.86 -4.29
N GLU D 151 22.51 10.32 -5.36
CA GLU D 151 22.49 11.00 -6.64
C GLU D 151 21.07 11.05 -7.21
N ASN D 152 20.85 12.05 -8.06
CA ASN D 152 19.51 12.22 -8.67
C ASN D 152 19.50 11.53 -10.02
N ILE D 153 18.31 11.24 -10.54
CA ILE D 153 18.18 10.61 -11.88
C ILE D 153 17.96 11.76 -12.84
N SER D 154 18.03 12.99 -12.33
CA SER D 154 17.68 14.14 -13.18
C SER D 154 16.36 13.78 -13.83
N LYS D 155 15.40 13.30 -13.02
CA LYS D 155 14.10 12.79 -13.55
C LYS D 155 13.55 13.72 -14.62
N GLU D 156 13.69 13.34 -15.89
CA GLU D 156 13.09 14.11 -17.00
C GLU D 156 11.74 13.44 -17.30
N ARG D 157 11.77 12.22 -17.86
CA ARG D 157 10.52 11.45 -18.12
C ARG D 157 9.49 12.34 -18.83
N SER D 158 9.84 12.88 -19.99
CA SER D 158 8.84 13.69 -20.73
C SER D 158 7.66 12.80 -21.08
N LEU D 159 6.46 13.13 -20.56
CA LEU D 159 5.27 12.38 -20.92
C LEU D 159 5.24 12.07 -22.41
N ILE D 160 4.91 10.82 -22.74
CA ILE D 160 4.86 10.38 -24.13
C ILE D 160 3.53 10.77 -24.74
N ASN D 161 3.58 11.41 -25.90
CA ASN D 161 2.38 11.80 -26.65
C ASN D 161 2.41 11.05 -27.99
N LYS D 162 1.62 9.99 -28.08
CA LYS D 162 1.57 9.17 -29.29
C LYS D 162 0.14 8.74 -29.56
N ASN D 163 -0.10 8.27 -30.78
CA ASN D 163 -1.42 7.87 -31.23
C ASN D 163 -1.41 6.40 -31.66
N ILE D 164 -2.60 5.83 -31.73
CA ILE D 164 -2.81 4.44 -32.13
C ILE D 164 -2.35 4.25 -33.57
N PRO D 165 -1.39 3.36 -33.84
CA PRO D 165 -0.93 3.16 -35.22
C PRO D 165 -1.98 2.50 -36.11
N ASN D 166 -2.56 1.40 -35.65
CA ASN D 166 -3.50 0.65 -36.46
C ASN D 166 -4.53 0.00 -35.55
N PHE D 167 -5.54 -0.61 -36.18
CA PHE D 167 -6.62 -1.26 -35.43
C PHE D 167 -6.15 -2.57 -34.80
N LYS D 168 -5.19 -3.27 -35.41
CA LYS D 168 -4.70 -4.52 -34.84
C LYS D 168 -4.05 -4.29 -33.49
N TRP D 169 -3.40 -3.13 -33.30
CA TRP D 169 -2.89 -2.77 -31.98
C TRP D 169 -4.05 -2.59 -30.99
N LEU D 170 -5.15 -2.00 -31.45
CA LEU D 170 -6.30 -1.78 -30.58
C LEU D 170 -6.90 -3.10 -30.11
N ALA D 171 -6.87 -4.12 -30.96
CA ALA D 171 -7.39 -5.43 -30.56
C ALA D 171 -6.56 -6.02 -29.42
N GLY D 172 -5.24 -5.81 -29.45
CA GLY D 172 -4.40 -6.32 -28.38
C GLY D 172 -4.59 -5.56 -27.08
N PHE D 173 -4.84 -4.25 -27.16
CA PHE D 173 -5.01 -3.46 -25.95
C PHE D 173 -6.35 -3.75 -25.28
N THR D 174 -7.41 -3.93 -26.08
CA THR D 174 -8.72 -4.23 -25.51
C THR D 174 -8.77 -5.64 -24.93
N SER D 175 -7.98 -6.57 -25.46
CA SER D 175 -7.92 -7.91 -24.89
C SER D 175 -7.43 -7.88 -23.44
N GLY D 176 -6.61 -6.89 -23.10
CA GLY D 176 -6.10 -6.77 -21.74
C GLY D 176 -6.89 -5.80 -20.88
N GLU D 177 -7.22 -4.62 -21.41
CA GLU D 177 -7.81 -3.54 -20.63
C GLU D 177 -9.23 -3.20 -21.07
N GLY D 178 -9.90 -4.11 -21.78
CA GLY D 178 -11.25 -3.88 -22.25
C GLY D 178 -12.25 -4.69 -21.46
N SER D 179 -13.47 -4.15 -21.32
CA SER D 179 -14.53 -4.80 -20.57
C SER D 179 -15.82 -4.80 -21.38
N PHE D 180 -16.40 -5.98 -21.56
CA PHE D 180 -17.69 -6.16 -22.22
C PHE D 180 -18.74 -6.44 -21.14
N GLY D 181 -19.61 -5.47 -20.88
CA GLY D 181 -20.58 -5.57 -19.80
C GLY D 181 -22.00 -5.51 -20.31
N VAL D 182 -22.86 -6.34 -19.72
CA VAL D 182 -24.29 -6.34 -19.99
C VAL D 182 -24.99 -5.81 -18.75
N ASN D 183 -25.55 -4.61 -18.85
CA ASN D 183 -26.14 -3.92 -17.71
C ASN D 183 -27.65 -4.11 -17.71
N LEU D 184 -28.18 -4.70 -16.63
CA LEU D 184 -29.62 -4.91 -16.47
C LEU D 184 -30.15 -3.85 -15.51
N ILE D 185 -30.70 -2.77 -16.05
CA ILE D 185 -31.28 -1.70 -15.23
C ILE D 185 -32.64 -2.12 -14.73
N LYS D 186 -32.95 -1.78 -13.48
CA LYS D 186 -34.19 -2.17 -12.84
C LYS D 186 -35.27 -1.12 -13.03
N SER D 187 -36.48 -1.58 -13.35
CA SER D 187 -37.62 -0.68 -13.52
C SER D 187 -38.91 -1.48 -13.36
N LYS D 188 -40.01 -0.75 -13.17
CA LYS D 188 -41.32 -1.36 -12.98
C LYS D 188 -42.04 -1.58 -14.30
N SER D 189 -43.37 -1.59 -14.25
CA SER D 189 -44.23 -1.77 -15.43
C SER D 189 -43.93 -3.07 -16.16
N LYS D 190 -44.58 -4.16 -15.74
CA LYS D 190 -44.41 -5.48 -16.34
C LYS D 190 -42.93 -5.84 -16.26
N LEU D 191 -42.24 -6.03 -17.39
CA LEU D 191 -40.80 -6.25 -17.38
C LEU D 191 -40.10 -4.92 -17.60
N GLY D 192 -39.42 -4.45 -16.56
CA GLY D 192 -38.64 -3.23 -16.61
C GLY D 192 -37.15 -3.44 -16.67
N VAL D 193 -36.69 -4.68 -16.78
CA VAL D 193 -35.26 -4.99 -16.85
C VAL D 193 -34.69 -4.41 -18.13
N GLN D 194 -34.36 -3.12 -18.10
CA GLN D 194 -33.76 -2.46 -19.25
C GLN D 194 -32.41 -3.11 -19.57
N VAL D 195 -32.24 -3.51 -20.82
CA VAL D 195 -31.01 -4.15 -21.28
C VAL D 195 -30.13 -3.09 -21.93
N GLN D 196 -28.94 -2.90 -21.38
CA GLN D 196 -27.99 -1.89 -21.84
C GLN D 196 -26.71 -2.57 -22.29
N LEU D 197 -26.14 -2.07 -23.37
CA LEU D 197 -24.87 -2.56 -23.89
C LEU D 197 -23.76 -1.58 -23.52
N ARG D 198 -22.70 -2.09 -22.92
CA ARG D 198 -21.58 -1.26 -22.49
C ARG D 198 -20.27 -1.83 -22.99
N PHE D 199 -19.37 -0.94 -23.41
CA PHE D 199 -18.01 -1.28 -23.81
C PHE D 199 -17.12 -0.28 -23.08
N ARG D 200 -16.67 -0.64 -21.89
CA ARG D 200 -15.87 0.26 -21.07
C ARG D 200 -14.39 -0.09 -21.19
N ILE D 201 -13.55 0.93 -21.02
CA ILE D 201 -12.10 0.77 -21.01
C ILE D 201 -11.56 1.64 -19.89
N THR D 202 -10.97 1.02 -18.87
CA THR D 202 -10.43 1.72 -17.73
C THR D 202 -8.93 1.94 -17.91
N GLN D 203 -8.48 3.15 -17.57
CA GLN D 203 -7.07 3.49 -17.67
C GLN D 203 -6.77 4.61 -16.68
N HIS D 204 -5.49 4.74 -16.36
CA HIS D 204 -5.05 5.78 -15.44
C HIS D 204 -5.21 7.16 -16.07
N ILE D 205 -5.08 8.20 -15.24
CA ILE D 205 -5.21 9.56 -15.73
C ILE D 205 -4.11 9.87 -16.75
N LYS D 206 -2.99 9.17 -16.68
CA LYS D 206 -1.92 9.35 -17.65
C LYS D 206 -2.38 8.83 -19.02
N ASP D 207 -1.62 9.20 -20.05
CA ASP D 207 -1.90 8.78 -21.43
C ASP D 207 -3.30 9.17 -21.87
N LYS D 208 -3.80 10.30 -21.34
CA LYS D 208 -5.15 10.75 -21.70
C LYS D 208 -5.24 11.13 -23.17
N ASN D 209 -4.12 11.52 -23.79
CA ASN D 209 -4.13 11.83 -25.21
C ASN D 209 -4.50 10.60 -26.05
N LEU D 210 -4.02 9.42 -25.65
CA LEU D 210 -4.38 8.20 -26.36
C LEU D 210 -5.82 7.78 -26.05
N MET D 211 -6.24 7.91 -24.79
CA MET D 211 -7.61 7.54 -24.43
C MET D 211 -8.62 8.49 -25.08
N ASN D 212 -8.31 9.78 -25.14
CA ASN D 212 -9.20 10.73 -25.81
C ASN D 212 -9.21 10.50 -27.32
N SER D 213 -8.08 10.12 -27.90
CA SER D 213 -8.01 9.83 -29.32
C SER D 213 -8.78 8.58 -29.71
N LEU D 214 -9.16 7.74 -28.75
CA LEU D 214 -9.93 6.54 -29.08
C LEU D 214 -11.30 6.90 -29.67
N ILE D 215 -11.86 8.04 -29.25
CA ILE D 215 -13.13 8.49 -29.84
C ILE D 215 -12.93 8.84 -31.31
N THR D 216 -11.85 9.57 -31.62
CA THR D 216 -11.54 9.89 -33.02
C THR D 216 -11.06 8.65 -33.77
N TYR D 217 -10.36 7.75 -33.08
CA TYR D 217 -9.88 6.53 -33.74
C TYR D 217 -11.04 5.65 -34.18
N LEU D 218 -12.06 5.50 -33.33
CA LEU D 218 -13.25 4.73 -33.68
C LEU D 218 -14.27 5.64 -34.34
N GLY D 219 -15.43 5.80 -33.71
CA GLY D 219 -16.45 6.67 -34.26
C GLY D 219 -17.60 6.91 -33.30
N CYS D 220 -17.35 6.76 -32.01
CA CYS D 220 -18.36 6.92 -30.98
C CYS D 220 -17.66 6.96 -29.62
N GLY D 221 -18.46 7.00 -28.56
CA GLY D 221 -17.94 6.93 -27.21
C GLY D 221 -17.63 8.28 -26.60
N TYR D 222 -17.59 8.30 -25.28
CA TYR D 222 -17.23 9.49 -24.51
C TYR D 222 -16.28 9.08 -23.39
N ILE D 223 -15.44 10.03 -22.97
CA ILE D 223 -14.41 9.78 -21.98
C ILE D 223 -14.91 10.30 -20.64
N ALA D 224 -15.04 9.41 -19.65
CA ALA D 224 -15.47 9.79 -18.32
C ALA D 224 -14.32 10.37 -17.51
N TRP D 233 -9.12 7.75 -11.61
CA TRP D 233 -8.69 7.25 -12.90
C TRP D 233 -9.57 7.78 -14.04
N LEU D 234 -9.23 7.40 -15.26
CA LEU D 234 -10.01 7.74 -16.45
C LEU D 234 -10.90 6.57 -16.84
N GLN D 235 -11.78 6.82 -17.82
CA GLN D 235 -12.71 5.80 -18.29
C GLN D 235 -13.29 6.23 -19.63
N PHE D 236 -13.27 5.32 -20.59
CA PHE D 236 -13.86 5.54 -21.91
C PHE D 236 -15.05 4.60 -22.08
N VAL D 237 -16.24 5.17 -22.28
CA VAL D 237 -17.48 4.40 -22.28
C VAL D 237 -18.19 4.58 -23.61
N VAL D 238 -18.86 3.51 -24.05
CA VAL D 238 -19.70 3.52 -25.24
C VAL D 238 -21.06 2.96 -24.85
N THR D 239 -22.13 3.68 -25.19
CA THR D 239 -23.45 3.28 -24.74
C THR D 239 -24.48 3.19 -25.87
N LYS D 240 -24.26 3.91 -26.97
CA LYS D 240 -25.21 3.89 -28.08
C LYS D 240 -25.19 2.52 -28.75
N PHE D 241 -26.32 1.82 -28.68
CA PHE D 241 -26.40 0.49 -29.30
C PHE D 241 -26.28 0.57 -30.81
N SER D 242 -26.72 1.68 -31.41
CA SER D 242 -26.52 1.87 -32.85
C SER D 242 -25.03 2.02 -33.17
N ASP D 243 -24.30 2.76 -32.33
CA ASP D 243 -22.87 2.93 -32.53
C ASP D 243 -22.10 1.66 -32.20
N ILE D 244 -22.55 0.89 -31.21
CA ILE D 244 -21.84 -0.32 -30.82
C ILE D 244 -21.93 -1.36 -31.93
N ASN D 245 -23.14 -1.65 -32.39
CA ASN D 245 -23.37 -2.69 -33.40
C ASN D 245 -22.89 -2.27 -34.79
N ASP D 246 -22.48 -1.01 -34.98
CA ASP D 246 -22.06 -0.54 -36.30
C ASP D 246 -20.61 -0.10 -36.34
N LYS D 247 -19.99 0.22 -35.20
CA LYS D 247 -18.61 0.70 -35.15
C LYS D 247 -17.72 -0.10 -34.21
N ILE D 248 -18.26 -0.71 -33.16
CA ILE D 248 -17.47 -1.45 -32.18
C ILE D 248 -17.42 -2.95 -32.49
N ILE D 249 -18.58 -3.54 -32.75
CA ILE D 249 -18.73 -4.98 -33.01
C ILE D 249 -18.03 -5.42 -34.30
N PRO D 250 -18.13 -4.69 -35.42
CA PRO D 250 -17.46 -5.18 -36.63
C PRO D 250 -15.97 -4.90 -36.67
N VAL D 251 -15.47 -3.98 -35.85
CA VAL D 251 -14.03 -3.73 -35.79
C VAL D 251 -13.30 -4.94 -35.23
N PHE D 252 -13.78 -5.46 -34.09
CA PHE D 252 -13.18 -6.64 -33.49
C PHE D 252 -13.50 -7.91 -34.26
N GLN D 253 -14.54 -7.90 -35.10
CA GLN D 253 -14.81 -9.07 -35.93
C GLN D 253 -13.75 -9.25 -37.00
N GLU D 254 -13.20 -8.17 -37.53
CA GLU D 254 -12.11 -8.27 -38.50
C GLU D 254 -10.79 -8.60 -37.81
N ASN D 255 -10.50 -7.93 -36.70
CA ASN D 255 -9.28 -8.17 -35.93
C ASN D 255 -9.65 -8.98 -34.70
N THR D 256 -9.46 -10.29 -34.78
CA THR D 256 -9.84 -11.20 -33.71
C THR D 256 -9.13 -10.86 -32.41
N LEU D 257 -9.83 -11.03 -31.30
CA LEU D 257 -9.29 -10.75 -29.98
C LEU D 257 -8.31 -11.85 -29.59
N ILE D 258 -7.84 -11.81 -28.34
CA ILE D 258 -6.98 -12.84 -27.79
C ILE D 258 -7.38 -13.10 -26.35
N GLY D 259 -7.20 -14.35 -25.91
CA GLY D 259 -7.51 -14.71 -24.55
C GLY D 259 -8.96 -15.12 -24.37
N VAL D 260 -9.32 -15.36 -23.11
CA VAL D 260 -10.68 -15.75 -22.79
C VAL D 260 -11.65 -14.60 -23.04
N LYS D 261 -11.15 -13.37 -23.12
CA LYS D 261 -12.00 -12.22 -23.43
C LYS D 261 -12.60 -12.31 -24.83
N LEU D 262 -11.96 -13.06 -25.73
CA LEU D 262 -12.55 -13.29 -27.05
C LEU D 262 -13.90 -13.98 -26.91
N GLU D 263 -13.96 -15.01 -26.06
CA GLU D 263 -15.23 -15.69 -25.81
C GLU D 263 -16.25 -14.75 -25.18
N ASP D 264 -15.79 -13.79 -24.36
CA ASP D 264 -16.71 -12.79 -23.82
C ASP D 264 -17.24 -11.89 -24.93
N PHE D 265 -16.41 -11.54 -25.91
CA PHE D 265 -16.88 -10.80 -27.06
C PHE D 265 -17.90 -11.61 -27.86
N GLU D 266 -17.65 -12.90 -28.01
CA GLU D 266 -18.59 -13.77 -28.73
C GLU D 266 -19.95 -13.79 -28.05
N ASP D 267 -19.98 -13.91 -26.71
CA ASP D 267 -21.24 -13.84 -26.00
C ASP D 267 -21.79 -12.42 -25.94
N TRP D 268 -20.95 -11.41 -26.16
CA TRP D 268 -21.45 -10.04 -26.19
C TRP D 268 -22.21 -9.78 -27.48
N CYS D 269 -21.74 -10.34 -28.60
CA CYS D 269 -22.46 -10.22 -29.86
C CYS D 269 -23.78 -10.99 -29.83
N LYS D 270 -23.83 -12.08 -29.06
CA LYS D 270 -25.06 -12.86 -28.98
C LYS D 270 -26.19 -12.06 -28.35
N VAL D 271 -25.88 -11.28 -27.31
CA VAL D 271 -26.90 -10.43 -26.70
C VAL D 271 -27.23 -9.26 -27.62
N ALA D 272 -26.29 -8.85 -28.48
CA ALA D 272 -26.54 -7.76 -29.40
C ALA D 272 -27.54 -8.15 -30.48
N LYS D 273 -27.52 -9.41 -30.93
CA LYS D 273 -28.47 -9.86 -31.94
C LYS D 273 -29.90 -9.81 -31.41
N LEU D 274 -30.08 -10.06 -30.11
CA LEU D 274 -31.43 -9.99 -29.53
C LEU D 274 -31.96 -8.56 -29.54
N ILE D 275 -31.10 -7.59 -29.21
CA ILE D 275 -31.52 -6.19 -29.25
C ILE D 275 -31.75 -5.74 -30.69
N GLU D 276 -30.94 -6.25 -31.62
CA GLU D 276 -31.16 -5.93 -33.04
C GLU D 276 -32.49 -6.50 -33.52
N GLU D 277 -32.77 -7.75 -33.16
CA GLU D 277 -34.07 -8.36 -33.46
C GLU D 277 -35.18 -7.88 -32.54
N LYS D 278 -34.86 -6.99 -31.58
CA LYS D 278 -35.82 -6.44 -30.62
C LYS D 278 -36.46 -7.51 -29.76
N LYS D 279 -35.89 -8.71 -29.72
CA LYS D 279 -36.42 -9.80 -28.92
C LYS D 279 -36.10 -9.66 -27.44
N HIS D 280 -35.34 -8.63 -27.04
CA HIS D 280 -35.03 -8.44 -25.63
C HIS D 280 -36.26 -8.07 -24.81
N LEU D 281 -37.32 -7.57 -25.45
CA LEU D 281 -38.56 -7.26 -24.76
C LEU D 281 -39.39 -8.50 -24.46
N THR D 282 -39.18 -9.58 -25.22
CA THR D 282 -39.90 -10.81 -24.97
C THR D 282 -39.47 -11.44 -23.65
N GLU D 283 -40.42 -12.12 -23.00
CA GLU D 283 -40.12 -12.79 -21.74
C GLU D 283 -39.08 -13.89 -21.94
N SER D 284 -39.19 -14.64 -23.04
CA SER D 284 -38.18 -15.66 -23.32
C SER D 284 -36.83 -15.04 -23.65
N GLY D 285 -36.82 -13.89 -24.32
CA GLY D 285 -35.57 -13.22 -24.61
C GLY D 285 -34.94 -12.57 -23.40
N LEU D 286 -35.76 -11.93 -22.56
CA LEU D 286 -35.24 -11.29 -21.36
C LEU D 286 -34.72 -12.33 -20.37
N ASP D 287 -35.40 -13.47 -20.26
CA ASP D 287 -34.93 -14.53 -19.38
C ASP D 287 -33.64 -15.15 -19.90
N GLU D 288 -33.53 -15.31 -21.24
CA GLU D 288 -32.32 -15.86 -21.82
C GLU D 288 -31.14 -14.90 -21.71
N ILE D 289 -31.42 -13.59 -21.69
CA ILE D 289 -30.34 -12.62 -21.55
C ILE D 289 -29.69 -12.73 -20.18
N LYS D 290 -30.49 -13.01 -19.14
CA LYS D 290 -29.93 -13.18 -17.81
C LYS D 290 -29.03 -14.41 -17.75
N LYS D 291 -29.40 -15.47 -18.47
CA LYS D 291 -28.57 -16.68 -18.50
C LYS D 291 -27.24 -16.43 -19.21
N ILE D 292 -27.26 -15.67 -20.30
CA ILE D 292 -26.03 -15.37 -21.02
C ILE D 292 -25.15 -14.42 -20.22
N LYS D 293 -25.76 -13.52 -19.45
CA LYS D 293 -24.98 -12.56 -18.67
C LYS D 293 -24.27 -13.26 -17.51
N LEU D 294 -24.96 -14.18 -16.84
CA LEU D 294 -24.35 -14.86 -15.71
C LEU D 294 -23.27 -15.85 -16.15
N ASN D 295 -23.44 -16.45 -17.34
CA ASN D 295 -22.51 -17.43 -17.85
C ASN D 295 -21.33 -16.82 -18.59
N MET D 296 -21.07 -15.52 -18.38
CA MET D 296 -19.96 -14.83 -19.02
C MET D 296 -19.24 -13.98 -17.99
N ASN D 297 -18.06 -13.49 -18.37
CA ASN D 297 -17.22 -12.61 -17.54
C ASN D 297 -16.85 -13.37 -16.28
N LYS D 298 -17.18 -12.88 -15.08
CA LYS D 298 -16.77 -13.56 -13.86
C LYS D 298 -17.40 -14.94 -13.73
N GLY D 299 -18.63 -15.10 -14.23
CA GLY D 299 -19.29 -16.40 -14.18
C GLY D 299 -18.71 -17.43 -15.13
N ARG D 300 -17.98 -16.99 -16.14
CA ARG D 300 -17.41 -17.89 -17.13
C ARG D 300 -16.12 -18.54 -16.63
CA CA G . 1.71 7.30 25.29
CA CA H . 8.55 8.12 19.74
#